data_4EJV
#
_entry.id   4EJV
#
_cell.length_a   107.624
_cell.length_b   107.624
_cell.length_c   49.509
_cell.angle_alpha   90.00
_cell.angle_beta   90.00
_cell.angle_gamma   120.00
#
_symmetry.space_group_name_H-M   'P 61'
#
loop_
_entity.id
_entity.type
_entity.pdbx_description
1 polymer 'Transcriptional regulator TcaR'
2 non-polymer 2,2-dichloro-N-[(1S,2S)-1,3-dihydroxy-1-(4-nitrophenyl)propan-2-yl]acetamide
3 water water
#
_entity_poly.entity_id   1
_entity_poly.type   'polypeptide(L)'
_entity_poly.pdbx_seq_one_letter_code
;MVRRIEDHISFLEKFINDVNTLTAKLLKDLQTEYGISAEQSHVLNMLSIEALTVGQITEKQGVNKAAVSRRVKKLLNAEL
VKLEKPDSNTDQRLKIIKLSNKGKKYIKERKAIMSHIASDMTSDFDSKEIEKVRQVLEIIDYRIQSYTSKL
;
_entity_poly.pdbx_strand_id   A,B
#
# COMPACT_ATOMS: atom_id res chain seq x y z
N ILE A 5 -14.41 -12.59 -10.83
CA ILE A 5 -13.31 -12.51 -9.82
C ILE A 5 -12.65 -11.12 -9.88
N GLU A 6 -12.87 -10.41 -10.98
CA GLU A 6 -12.32 -9.07 -11.15
C GLU A 6 -12.80 -8.15 -10.04
N ASP A 7 -14.05 -8.32 -9.61
CA ASP A 7 -14.61 -7.48 -8.56
C ASP A 7 -13.99 -7.79 -7.21
N HIS A 8 -13.49 -9.01 -7.06
CA HIS A 8 -12.81 -9.41 -5.83
C HIS A 8 -11.46 -8.69 -5.77
N ILE A 9 -10.81 -8.55 -6.93
CA ILE A 9 -9.50 -7.88 -7.06
C ILE A 9 -9.60 -6.36 -6.93
N SER A 10 -10.74 -5.82 -7.31
CA SER A 10 -11.01 -4.40 -7.24
C SER A 10 -11.12 -4.01 -5.77
N PHE A 11 -11.87 -4.82 -5.03
CA PHE A 11 -12.12 -4.61 -3.60
C PHE A 11 -10.85 -4.65 -2.79
N LEU A 12 -10.06 -5.70 -2.99
CA LEU A 12 -8.77 -5.85 -2.30
C LEU A 12 -7.91 -4.61 -2.63
N GLU A 13 -7.93 -4.22 -3.91
CA GLU A 13 -7.22 -3.06 -4.40
C GLU A 13 -7.73 -1.83 -3.66
N LYS A 14 -9.05 -1.70 -3.58
CA LYS A 14 -9.64 -0.56 -2.87
C LYS A 14 -9.36 -0.71 -1.39
N PHE A 15 -9.65 -1.89 -0.88
CA PHE A 15 -9.45 -2.13 0.54
C PHE A 15 -8.06 -1.65 0.94
N ILE A 16 -7.04 -2.12 0.22
CA ILE A 16 -5.68 -1.70 0.50
C ILE A 16 -5.60 -0.18 0.41
N ASN A 17 -6.03 0.36 -0.70
CA ASN A 17 -5.93 1.80 -0.89
C ASN A 17 -6.39 2.61 0.31
N ASP A 18 -7.44 2.16 0.99
CA ASP A 18 -7.93 2.91 2.14
C ASP A 18 -7.03 2.73 3.36
N VAL A 19 -6.59 1.49 3.58
CA VAL A 19 -5.70 1.15 4.69
C VAL A 19 -4.51 2.08 4.60
N ASN A 20 -3.95 2.15 3.40
CA ASN A 20 -2.82 3.00 3.15
C ASN A 20 -3.30 4.44 3.39
N THR A 21 -4.43 4.81 2.80
CA THR A 21 -4.93 6.18 2.99
C THR A 21 -4.93 6.52 4.47
N LEU A 22 -5.67 5.70 5.21
CA LEU A 22 -5.87 5.85 6.65
C LEU A 22 -4.62 5.84 7.53
N THR A 23 -3.66 4.99 7.20
CA THR A 23 -2.42 4.90 7.97
C THR A 23 -1.66 6.20 7.86
N ALA A 24 -1.66 6.77 6.66
CA ALA A 24 -0.99 8.04 6.37
C ALA A 24 -1.53 9.15 7.26
N LYS A 25 -2.83 9.38 7.19
CA LYS A 25 -3.46 10.42 8.01
C LYS A 25 -3.17 10.20 9.47
N LEU A 26 -3.44 8.98 9.94
CA LEU A 26 -3.25 8.59 11.33
C LEU A 26 -1.84 8.68 11.90
N LEU A 27 -0.84 8.78 11.02
CA LEU A 27 0.53 8.85 11.46
C LEU A 27 1.21 10.15 11.04
N LYS A 28 0.56 10.90 10.16
CA LYS A 28 1.09 12.17 9.69
C LYS A 28 1.65 13.03 10.83
N ASP A 29 0.78 13.46 11.72
CA ASP A 29 1.15 14.31 12.84
C ASP A 29 2.32 13.76 13.64
N LEU A 30 2.39 12.44 13.78
CA LEU A 30 3.47 11.82 14.52
C LEU A 30 4.75 11.72 13.70
N GLN A 31 4.60 11.59 12.38
CA GLN A 31 5.77 11.52 11.54
C GLN A 31 6.33 12.92 11.42
N THR A 32 5.44 13.91 11.33
CA THR A 32 5.90 15.27 11.26
C THR A 32 6.64 15.52 12.58
N GLU A 33 6.02 15.14 13.72
CA GLU A 33 6.63 15.36 15.03
C GLU A 33 8.00 14.71 15.23
N TYR A 34 8.31 13.72 14.40
CA TYR A 34 9.60 13.06 14.47
C TYR A 34 10.42 13.58 13.29
N GLY A 35 9.83 14.52 12.56
CA GLY A 35 10.50 15.10 11.42
C GLY A 35 10.78 14.19 10.24
N ILE A 36 10.00 13.11 10.04
CA ILE A 36 10.22 12.22 8.90
C ILE A 36 9.03 12.17 7.95
N SER A 37 9.32 11.84 6.70
CA SER A 37 8.31 11.70 5.66
C SER A 37 7.70 10.30 5.83
N ALA A 38 6.56 10.04 5.20
CA ALA A 38 5.92 8.74 5.29
C ALA A 38 6.90 7.70 4.75
N GLU A 39 7.50 8.00 3.59
CA GLU A 39 8.44 7.10 2.96
C GLU A 39 9.60 6.71 3.85
N GLN A 40 9.97 7.58 4.78
CA GLN A 40 11.06 7.25 5.69
C GLN A 40 10.49 6.30 6.75
N SER A 41 9.18 6.33 6.95
CA SER A 41 8.55 5.50 7.96
C SER A 41 8.38 4.02 7.60
N HIS A 42 8.32 3.67 6.31
CA HIS A 42 8.22 2.24 5.97
C HIS A 42 9.65 1.74 6.06
N VAL A 43 10.59 2.64 5.80
CA VAL A 43 11.99 2.29 5.87
C VAL A 43 12.23 1.82 7.30
N LEU A 44 11.62 2.52 8.26
CA LEU A 44 11.76 2.13 9.64
C LEU A 44 10.87 0.92 9.89
N ASN A 45 9.66 0.96 9.34
CA ASN A 45 8.67 -0.10 9.46
C ASN A 45 9.17 -1.47 8.96
N MET A 46 9.97 -1.46 7.90
CA MET A 46 10.53 -2.69 7.35
C MET A 46 11.62 -3.18 8.30
N LEU A 47 12.20 -2.25 9.03
CA LEU A 47 13.27 -2.58 9.97
C LEU A 47 12.70 -2.91 11.35
N SER A 48 11.41 -2.65 11.54
CA SER A 48 10.77 -2.95 12.81
C SER A 48 10.82 -4.47 12.85
N ILE A 49 10.97 -5.05 11.66
CA ILE A 49 11.04 -6.48 11.49
C ILE A 49 12.50 -6.89 11.63
N GLU A 50 13.27 -6.61 10.58
CA GLU A 50 14.68 -6.96 10.54
C GLU A 50 15.59 -5.74 10.55
N ALA A 51 16.68 -5.91 9.81
CA ALA A 51 17.72 -4.89 9.60
C ALA A 51 18.14 -5.27 8.20
N LEU A 52 18.41 -4.29 7.34
CA LEU A 52 18.72 -4.62 5.97
C LEU A 52 19.76 -3.80 5.24
N THR A 53 20.50 -4.46 4.36
CA THR A 53 21.50 -3.78 3.55
C THR A 53 20.81 -3.33 2.23
N VAL A 54 20.82 -2.02 2.00
CA VAL A 54 20.22 -1.36 0.83
C VAL A 54 19.50 -2.23 -0.20
N GLY A 55 20.21 -3.23 -0.72
CA GLY A 55 19.63 -4.11 -1.72
C GLY A 55 18.25 -4.60 -1.35
N GLN A 56 18.16 -5.36 -0.27
CA GLN A 56 16.87 -5.88 0.15
C GLN A 56 15.92 -4.79 0.63
N ILE A 57 16.46 -3.65 1.05
CA ILE A 57 15.63 -2.51 1.49
C ILE A 57 14.86 -2.04 0.26
N THR A 58 15.42 -2.35 -0.91
CA THR A 58 14.82 -1.97 -2.18
C THR A 58 14.09 -3.18 -2.78
N GLU A 59 14.53 -4.38 -2.36
CA GLU A 59 13.98 -5.65 -2.83
C GLU A 59 12.48 -5.77 -2.56
N LYS A 60 11.97 -4.94 -1.66
CA LYS A 60 10.55 -4.95 -1.33
C LYS A 60 9.83 -3.80 -2.04
N GLN A 61 10.38 -2.60 -1.89
CA GLN A 61 9.82 -1.39 -2.50
C GLN A 61 9.91 -1.44 -4.03
N GLY A 62 11.10 -1.75 -4.51
CA GLY A 62 11.30 -1.83 -5.96
C GLY A 62 11.10 -0.49 -6.63
N VAL A 63 11.80 0.53 -6.15
CA VAL A 63 11.69 1.85 -6.76
C VAL A 63 13.04 2.53 -6.72
N ASN A 64 13.37 3.26 -7.78
CA ASN A 64 14.60 4.03 -7.94
C ASN A 64 15.84 3.55 -7.17
N LYS A 65 16.98 4.06 -7.57
CA LYS A 65 18.24 3.75 -6.90
C LYS A 65 18.46 4.90 -5.93
N ALA A 66 18.02 6.09 -6.36
CA ALA A 66 18.14 7.34 -5.62
C ALA A 66 17.13 7.53 -4.49
N ALA A 67 15.93 7.00 -4.67
CA ALA A 67 14.89 7.13 -3.65
C ALA A 67 15.36 6.44 -2.37
N VAL A 68 15.98 5.28 -2.54
CA VAL A 68 16.48 4.50 -1.41
C VAL A 68 17.72 5.18 -0.85
N SER A 69 18.64 5.51 -1.77
CA SER A 69 19.89 6.14 -1.43
C SER A 69 19.84 7.48 -0.70
N ARG A 70 18.80 8.28 -0.93
CA ARG A 70 18.73 9.59 -0.25
C ARG A 70 17.76 9.68 0.95
N ARG A 71 17.22 8.53 1.37
CA ARG A 71 16.34 8.46 2.55
C ARG A 71 17.02 7.64 3.66
N VAL A 72 17.71 6.58 3.26
CA VAL A 72 18.43 5.74 4.21
C VAL A 72 19.24 6.56 5.23
N LYS A 73 20.20 7.33 4.72
CA LYS A 73 21.08 8.18 5.52
C LYS A 73 20.37 9.24 6.34
N LYS A 74 19.38 9.89 5.73
CA LYS A 74 18.64 10.95 6.44
C LYS A 74 18.35 10.49 7.86
N LEU A 75 17.88 9.26 7.98
CA LEU A 75 17.49 8.64 9.24
C LEU A 75 18.59 8.50 10.32
N LEU A 76 19.81 8.13 9.90
CA LEU A 76 20.95 7.99 10.83
C LEU A 76 21.12 9.34 11.49
N ASN A 77 21.04 10.37 10.66
CA ASN A 77 21.16 11.74 11.10
C ASN A 77 20.07 12.12 12.10
N ALA A 78 18.82 11.88 11.70
CA ALA A 78 17.67 12.14 12.58
C ALA A 78 17.93 11.29 13.83
N GLU A 79 18.77 10.26 13.65
CA GLU A 79 19.21 9.36 14.71
C GLU A 79 18.19 8.29 15.09
N LEU A 80 17.58 7.67 14.08
CA LEU A 80 16.60 6.62 14.34
C LEU A 80 17.08 5.37 13.62
N VAL A 81 18.27 5.47 13.02
CA VAL A 81 18.83 4.36 12.28
C VAL A 81 20.34 4.17 12.47
N LYS A 82 20.81 2.93 12.25
CA LYS A 82 22.21 2.56 12.40
C LYS A 82 22.64 1.68 11.22
N LEU A 83 23.94 1.63 10.92
CA LEU A 83 24.44 0.84 9.78
C LEU A 83 25.00 -0.54 10.14
N ILE A 96 24.14 -2.99 6.14
CA ILE A 96 23.48 -3.49 7.39
C ILE A 96 22.21 -2.70 7.66
N ILE A 97 22.39 -1.56 8.33
CA ILE A 97 21.31 -0.65 8.71
C ILE A 97 20.24 -1.29 9.59
N LYS A 98 20.36 -1.09 10.89
CA LYS A 98 19.40 -1.65 11.85
C LYS A 98 18.75 -0.45 12.56
N LEU A 99 17.76 -0.71 13.41
CA LEU A 99 17.09 0.35 14.15
C LEU A 99 17.99 0.92 15.24
N SER A 100 17.73 2.17 15.63
CA SER A 100 18.47 2.81 16.71
C SER A 100 17.44 2.85 17.83
N ASN A 101 17.85 3.23 19.04
CA ASN A 101 16.88 3.26 20.13
C ASN A 101 15.75 4.26 19.92
N LYS A 102 16.08 5.45 19.44
CA LYS A 102 15.08 6.50 19.19
C LYS A 102 14.15 5.96 18.11
N GLY A 103 14.72 5.21 17.18
CA GLY A 103 13.92 4.62 16.11
C GLY A 103 13.00 3.55 16.65
N LYS A 104 13.52 2.70 17.52
CA LYS A 104 12.75 1.62 18.14
C LYS A 104 11.54 2.25 18.85
N LYS A 105 11.78 3.33 19.58
CA LYS A 105 10.71 4.06 20.30
C LYS A 105 9.64 4.63 19.37
N TYR A 106 10.04 5.08 18.18
CA TYR A 106 9.07 5.63 17.23
C TYR A 106 8.01 4.58 16.87
N ILE A 107 8.50 3.40 16.51
CA ILE A 107 7.64 2.28 16.15
C ILE A 107 6.68 2.01 17.29
N LYS A 108 7.21 1.92 18.50
CA LYS A 108 6.38 1.67 19.68
C LYS A 108 5.20 2.62 19.57
N GLU A 109 5.49 3.91 19.40
CA GLU A 109 4.44 4.90 19.28
C GLU A 109 3.52 4.59 18.11
N ARG A 110 4.10 4.37 16.93
CA ARG A 110 3.32 4.03 15.75
C ARG A 110 2.35 2.87 16.01
N LYS A 111 2.85 1.81 16.62
CA LYS A 111 2.03 0.63 16.92
C LYS A 111 0.85 0.96 17.83
N ALA A 112 1.04 1.91 18.74
CA ALA A 112 -0.02 2.31 19.65
C ALA A 112 -1.24 2.79 18.87
N ILE A 113 -1.02 3.82 18.07
CA ILE A 113 -2.05 4.42 17.25
C ILE A 113 -2.81 3.35 16.49
N MET A 114 -2.07 2.64 15.65
CA MET A 114 -2.59 1.58 14.81
C MET A 114 -3.41 0.51 15.54
N SER A 115 -2.93 0.08 16.70
CA SER A 115 -3.62 -0.95 17.46
C SER A 115 -4.91 -0.48 18.13
N HIS A 116 -4.88 0.69 18.76
CA HIS A 116 -6.11 1.19 19.39
C HIS A 116 -7.21 1.36 18.35
N ILE A 117 -6.86 1.97 17.21
CA ILE A 117 -7.82 2.23 16.13
C ILE A 117 -8.35 0.95 15.50
N ALA A 118 -7.45 0.01 15.21
CA ALA A 118 -7.81 -1.27 14.60
C ALA A 118 -8.68 -2.10 15.57
N SER A 119 -8.30 -2.06 16.84
CA SER A 119 -9.04 -2.77 17.86
C SER A 119 -10.44 -2.18 17.96
N ASP A 120 -10.51 -0.90 18.33
CA ASP A 120 -11.78 -0.20 18.46
C ASP A 120 -12.56 -0.18 17.14
N MET A 121 -12.12 -0.94 16.16
CA MET A 121 -12.78 -0.96 14.87
C MET A 121 -13.20 -2.37 14.53
N THR A 122 -12.57 -3.33 15.20
CA THR A 122 -12.84 -4.74 14.99
C THR A 122 -13.55 -5.28 16.23
N SER A 123 -13.48 -4.50 17.31
CA SER A 123 -14.09 -4.82 18.60
C SER A 123 -15.39 -5.60 18.60
N ASP A 124 -16.33 -5.25 17.74
CA ASP A 124 -17.59 -5.95 17.75
C ASP A 124 -17.58 -7.24 16.94
N PHE A 125 -16.41 -7.77 16.64
CA PHE A 125 -16.34 -9.00 15.86
C PHE A 125 -16.03 -10.26 16.63
N ASP A 126 -16.58 -11.34 16.11
CA ASP A 126 -16.42 -12.66 16.67
C ASP A 126 -15.06 -13.14 16.23
N SER A 127 -14.12 -13.25 17.16
CA SER A 127 -12.77 -13.68 16.83
C SER A 127 -12.78 -14.77 15.77
N LYS A 128 -13.84 -15.58 15.78
CA LYS A 128 -13.96 -16.67 14.84
C LYS A 128 -14.01 -16.09 13.44
N GLU A 129 -14.80 -15.04 13.27
CA GLU A 129 -14.95 -14.38 11.98
C GLU A 129 -13.62 -13.79 11.50
N ILE A 130 -12.97 -13.02 12.37
CA ILE A 130 -11.71 -12.38 12.02
C ILE A 130 -10.63 -13.41 11.70
N GLU A 131 -10.62 -14.51 12.48
CA GLU A 131 -9.65 -15.60 12.33
C GLU A 131 -9.75 -16.24 10.94
N LYS A 132 -10.98 -16.48 10.48
CA LYS A 132 -11.17 -17.07 9.16
C LYS A 132 -10.72 -16.04 8.13
N VAL A 133 -10.73 -14.77 8.53
CA VAL A 133 -10.31 -13.70 7.63
C VAL A 133 -8.80 -13.75 7.45
N ARG A 134 -8.11 -13.89 8.58
CA ARG A 134 -6.68 -13.97 8.55
C ARG A 134 -6.19 -15.25 7.89
N GLN A 135 -6.90 -16.35 8.14
CA GLN A 135 -6.52 -17.63 7.56
C GLN A 135 -6.64 -17.61 6.02
N VAL A 136 -7.58 -16.86 5.49
CA VAL A 136 -7.73 -16.81 4.05
C VAL A 136 -6.72 -15.82 3.45
N LEU A 137 -6.26 -14.88 4.25
CA LEU A 137 -5.27 -13.93 3.76
C LEU A 137 -3.89 -14.56 3.86
N GLU A 138 -3.74 -15.48 4.79
CA GLU A 138 -2.49 -16.18 4.94
C GLU A 138 -2.34 -17.12 3.73
N ILE A 139 -3.35 -17.91 3.42
CA ILE A 139 -3.28 -18.81 2.26
C ILE A 139 -2.94 -18.00 1.03
N ILE A 140 -3.58 -16.85 0.92
CA ILE A 140 -3.36 -15.96 -0.21
C ILE A 140 -1.96 -15.38 -0.20
N ASP A 141 -1.46 -15.02 0.97
CA ASP A 141 -0.12 -14.45 1.07
C ASP A 141 0.91 -15.54 0.84
N TYR A 142 0.60 -16.74 1.29
CA TYR A 142 1.50 -17.88 1.15
C TYR A 142 1.73 -18.14 -0.32
N ARG A 143 0.67 -18.04 -1.09
CA ARG A 143 0.79 -18.29 -2.50
C ARG A 143 1.49 -17.12 -3.20
N ILE A 144 1.24 -15.90 -2.75
CA ILE A 144 1.88 -14.74 -3.38
C ILE A 144 3.39 -14.89 -3.27
N GLN A 145 3.91 -14.97 -2.04
CA GLN A 145 5.35 -15.12 -1.78
C GLN A 145 5.97 -16.21 -2.61
N SER A 146 5.31 -17.36 -2.62
CA SER A 146 5.78 -18.50 -3.36
C SER A 146 5.83 -18.09 -4.82
N TYR A 147 4.75 -17.48 -5.32
CA TYR A 147 4.69 -17.05 -6.69
C TYR A 147 5.73 -15.96 -6.93
N THR A 148 5.77 -14.98 -6.03
CA THR A 148 6.75 -13.93 -6.14
C THR A 148 8.05 -14.64 -6.40
N SER A 149 8.56 -15.38 -5.41
CA SER A 149 9.82 -16.08 -5.56
C SER A 149 10.00 -16.74 -6.93
N LYS A 150 8.92 -17.27 -7.52
CA LYS A 150 9.07 -17.88 -8.84
C LYS A 150 9.19 -16.70 -9.82
N LEU A 151 9.57 -15.56 -9.25
CA LEU A 151 9.77 -14.26 -9.91
C LEU A 151 8.50 -13.46 -10.29
N ILE B 5 -3.87 -9.78 17.04
CA ILE B 5 -4.68 -8.86 17.91
C ILE B 5 -4.16 -7.41 17.77
N GLU B 6 -2.90 -7.34 17.41
CA GLU B 6 -2.15 -6.13 17.13
C GLU B 6 -1.01 -6.85 16.39
N ASP B 7 -1.28 -8.13 16.18
CA ASP B 7 -0.42 -9.08 15.50
C ASP B 7 -1.05 -9.20 14.14
N HIS B 8 -2.35 -8.92 14.08
CA HIS B 8 -3.10 -8.94 12.83
C HIS B 8 -2.62 -7.72 12.02
N ILE B 9 -2.31 -6.64 12.74
CA ILE B 9 -1.84 -5.39 12.16
C ILE B 9 -0.54 -5.60 11.46
N SER B 10 0.30 -6.42 12.07
CA SER B 10 1.59 -6.71 11.47
C SER B 10 1.35 -7.57 10.25
N PHE B 11 0.57 -8.63 10.40
CA PHE B 11 0.31 -9.52 9.27
C PHE B 11 -0.20 -8.73 8.12
N LEU B 12 -1.15 -7.86 8.43
CA LEU B 12 -1.78 -7.01 7.43
C LEU B 12 -0.75 -6.10 6.74
N GLU B 13 0.26 -5.68 7.50
CA GLU B 13 1.30 -4.83 6.96
C GLU B 13 2.15 -5.65 6.00
N LYS B 14 2.46 -6.88 6.40
CA LYS B 14 3.26 -7.82 5.61
C LYS B 14 2.50 -8.26 4.38
N PHE B 15 1.21 -8.58 4.56
CA PHE B 15 0.36 -8.99 3.45
C PHE B 15 0.41 -7.90 2.36
N ILE B 16 0.27 -6.64 2.76
CA ILE B 16 0.28 -5.50 1.83
C ILE B 16 1.62 -5.30 1.13
N ASN B 17 2.69 -5.45 1.92
CA ASN B 17 4.01 -5.31 1.40
C ASN B 17 4.15 -6.31 0.28
N ASP B 18 3.73 -7.53 0.54
CA ASP B 18 3.83 -8.58 -0.46
C ASP B 18 3.07 -8.30 -1.77
N VAL B 19 1.85 -7.77 -1.65
CA VAL B 19 1.01 -7.44 -2.79
C VAL B 19 1.68 -6.34 -3.60
N ASN B 20 2.34 -5.42 -2.92
CA ASN B 20 3.00 -4.35 -3.62
C ASN B 20 4.24 -4.91 -4.32
N THR B 21 5.03 -5.69 -3.60
CA THR B 21 6.22 -6.27 -4.18
C THR B 21 5.85 -7.10 -5.41
N LEU B 22 4.74 -7.82 -5.34
CA LEU B 22 4.31 -8.66 -6.46
C LEU B 22 3.75 -7.85 -7.63
N THR B 23 2.81 -6.95 -7.32
CA THR B 23 2.21 -6.11 -8.34
C THR B 23 3.26 -5.30 -9.07
N ALA B 24 4.25 -4.84 -8.32
CA ALA B 24 5.32 -4.07 -8.89
C ALA B 24 5.90 -4.89 -10.03
N LYS B 25 6.52 -6.00 -9.64
CA LYS B 25 7.16 -6.93 -10.57
C LYS B 25 6.27 -7.40 -11.70
N LEU B 26 5.01 -7.71 -11.38
CA LEU B 26 4.07 -8.15 -12.41
C LEU B 26 3.78 -7.06 -13.43
N LEU B 27 3.89 -5.79 -13.03
CA LEU B 27 3.58 -4.69 -13.93
C LEU B 27 4.75 -3.91 -14.51
N LYS B 28 5.97 -4.38 -14.26
CA LYS B 28 7.16 -3.71 -14.76
C LYS B 28 7.16 -3.38 -16.26
N ASP B 29 7.16 -4.42 -17.09
CA ASP B 29 7.18 -4.18 -18.53
C ASP B 29 6.09 -3.22 -19.00
N LEU B 30 4.82 -3.51 -18.69
CA LEU B 30 3.71 -2.65 -19.11
C LEU B 30 4.01 -1.18 -18.79
N GLN B 31 4.57 -0.94 -17.60
CA GLN B 31 4.90 0.42 -17.16
C GLN B 31 6.00 1.00 -18.03
N THR B 32 6.88 0.13 -18.50
CA THR B 32 7.97 0.51 -19.38
C THR B 32 7.36 0.89 -20.73
N GLU B 33 6.53 -0.02 -21.24
CA GLU B 33 5.85 0.15 -22.51
C GLU B 33 5.07 1.46 -22.48
N TYR B 34 4.57 1.87 -21.31
CA TYR B 34 3.83 3.12 -21.20
C TYR B 34 4.66 4.36 -20.85
N GLY B 35 5.87 4.16 -20.33
CA GLY B 35 6.72 5.28 -19.95
C GLY B 35 6.55 5.61 -18.48
N ILE B 36 5.57 4.93 -17.88
CA ILE B 36 5.16 5.05 -16.48
C ILE B 36 6.19 4.68 -15.40
N SER B 37 6.07 5.36 -14.25
CA SER B 37 6.90 5.12 -13.08
C SER B 37 5.94 4.38 -12.18
N ALA B 38 6.42 3.50 -11.31
CA ALA B 38 5.55 2.74 -10.42
C ALA B 38 4.54 3.66 -9.75
N GLU B 39 5.07 4.69 -9.08
CA GLU B 39 4.27 5.69 -8.36
C GLU B 39 3.22 6.36 -9.25
N GLN B 40 3.44 6.34 -10.57
CA GLN B 40 2.51 6.95 -11.51
C GLN B 40 1.31 6.02 -11.75
N SER B 41 1.59 4.73 -11.92
CA SER B 41 0.52 3.76 -12.14
C SER B 41 -0.37 3.78 -10.91
N HIS B 42 0.24 3.75 -9.73
CA HIS B 42 -0.53 3.74 -8.50
C HIS B 42 -1.45 4.96 -8.41
N VAL B 43 -1.16 5.98 -9.21
CA VAL B 43 -1.99 7.16 -9.22
C VAL B 43 -3.12 6.87 -10.19
N LEU B 44 -2.76 6.18 -11.26
CA LEU B 44 -3.69 5.82 -12.30
C LEU B 44 -4.73 4.83 -11.81
N ASN B 45 -4.28 3.93 -10.96
CA ASN B 45 -5.17 2.93 -10.39
C ASN B 45 -5.97 3.58 -9.27
N MET B 46 -5.38 4.65 -8.71
CA MET B 46 -5.98 5.42 -7.64
C MET B 46 -7.15 6.23 -8.22
N LEU B 47 -7.03 6.57 -9.50
CA LEU B 47 -8.04 7.35 -10.22
C LEU B 47 -8.97 6.40 -10.96
N SER B 48 -8.50 5.17 -11.13
CA SER B 48 -9.29 4.15 -11.80
C SER B 48 -10.63 4.08 -11.06
N ILE B 49 -10.60 4.50 -9.80
CA ILE B 49 -11.76 4.50 -8.92
C ILE B 49 -12.83 5.55 -9.28
N GLU B 50 -12.42 6.67 -9.91
CA GLU B 50 -13.33 7.77 -10.31
C GLU B 50 -12.58 8.99 -10.87
N ALA B 51 -12.38 9.98 -9.99
CA ALA B 51 -11.66 11.24 -10.25
C ALA B 51 -11.31 11.94 -8.93
N LEU B 52 -10.08 12.44 -8.83
CA LEU B 52 -9.62 13.12 -7.61
C LEU B 52 -8.80 14.40 -7.92
N THR B 53 -8.68 15.27 -6.94
CA THR B 53 -7.89 16.51 -7.05
C THR B 53 -6.46 16.15 -6.65
N VAL B 54 -5.49 16.99 -7.04
CA VAL B 54 -4.06 16.74 -6.71
C VAL B 54 -3.76 16.79 -5.21
N GLY B 55 -4.66 17.40 -4.44
CA GLY B 55 -4.46 17.45 -3.01
C GLY B 55 -5.01 16.15 -2.45
N GLN B 56 -6.17 15.75 -2.97
CA GLN B 56 -6.80 14.53 -2.52
C GLN B 56 -5.79 13.39 -2.66
N ILE B 57 -5.22 13.27 -3.85
CA ILE B 57 -4.23 12.25 -4.15
C ILE B 57 -3.01 12.32 -3.22
N THR B 58 -2.61 13.54 -2.83
CA THR B 58 -1.46 13.77 -1.95
C THR B 58 -1.81 13.44 -0.52
N GLU B 59 -3.06 13.77 -0.17
CA GLU B 59 -3.60 13.55 1.16
C GLU B 59 -3.97 12.08 1.35
N LYS B 60 -4.41 11.42 0.28
CA LYS B 60 -4.75 10.01 0.37
C LYS B 60 -3.50 9.15 0.28
N GLN B 61 -2.40 9.77 -0.16
CA GLN B 61 -1.14 9.06 -0.32
C GLN B 61 -0.17 9.31 0.82
N GLY B 62 0.08 10.56 1.17
CA GLY B 62 1.00 10.84 2.25
C GLY B 62 2.43 11.20 1.84
N VAL B 63 2.66 11.49 0.56
CA VAL B 63 3.99 11.88 0.06
C VAL B 63 4.06 13.39 -0.19
N ASN B 64 5.25 13.90 -0.50
CA ASN B 64 5.44 15.33 -0.75
C ASN B 64 4.53 15.80 -1.87
N LYS B 65 3.77 16.85 -1.59
CA LYS B 65 2.84 17.44 -2.54
C LYS B 65 3.48 17.71 -3.90
N ALA B 66 4.73 18.16 -3.88
CA ALA B 66 5.49 18.48 -5.09
C ALA B 66 5.61 17.23 -5.98
N ALA B 67 5.99 16.12 -5.35
CA ALA B 67 6.14 14.85 -6.04
C ALA B 67 4.83 14.45 -6.74
N VAL B 68 3.69 14.60 -6.06
CA VAL B 68 2.36 14.28 -6.61
C VAL B 68 2.05 15.16 -7.82
N SER B 69 2.52 16.40 -7.73
CA SER B 69 2.34 17.40 -8.78
C SER B 69 3.22 17.01 -9.98
N ARG B 70 4.46 16.58 -9.71
CA ARG B 70 5.41 16.19 -10.74
C ARG B 70 4.91 14.95 -11.53
N ARG B 71 4.09 14.14 -10.87
CA ARG B 71 3.54 12.94 -11.50
C ARG B 71 2.19 13.17 -12.16
N VAL B 72 1.45 14.18 -11.69
CA VAL B 72 0.14 14.51 -12.24
C VAL B 72 0.20 15.21 -13.60
N LYS B 73 1.22 16.02 -13.77
CA LYS B 73 1.43 16.77 -15.01
C LYS B 73 1.99 15.82 -16.08
N LYS B 74 2.94 14.98 -15.66
CA LYS B 74 3.53 14.01 -16.56
C LYS B 74 2.46 13.08 -17.14
N LEU B 75 1.37 12.91 -16.41
CA LEU B 75 0.29 12.05 -16.85
C LEU B 75 -0.59 12.81 -17.84
N LEU B 76 -0.62 14.12 -17.68
CA LEU B 76 -1.38 14.98 -18.58
C LEU B 76 -0.55 15.28 -19.83
N ASN B 77 0.77 15.14 -19.71
CA ASN B 77 1.66 15.38 -20.83
C ASN B 77 1.58 14.13 -21.71
N ALA B 78 1.32 13.00 -21.05
CA ALA B 78 1.22 11.73 -21.72
C ALA B 78 -0.22 11.37 -22.12
N GLU B 79 -1.15 12.26 -21.80
CA GLU B 79 -2.56 12.04 -22.11
C GLU B 79 -3.06 10.75 -21.48
N LEU B 80 -2.61 10.51 -20.25
CA LEU B 80 -3.02 9.31 -19.52
C LEU B 80 -4.21 9.64 -18.64
N VAL B 81 -4.32 10.91 -18.29
CA VAL B 81 -5.41 11.40 -17.49
C VAL B 81 -5.79 12.76 -18.09
N LYS B 82 -7.06 13.13 -17.95
CA LYS B 82 -7.54 14.41 -18.46
C LYS B 82 -8.03 15.28 -17.31
N LEU B 83 -8.95 16.19 -17.60
CA LEU B 83 -9.52 17.05 -16.57
C LEU B 83 -11.02 16.96 -16.68
N GLU B 84 -11.73 17.55 -15.71
CA GLU B 84 -13.18 17.54 -15.71
C GLU B 84 -13.70 17.90 -17.11
N LYS B 95 -12.42 22.31 -12.19
CA LYS B 95 -12.21 20.96 -12.81
C LYS B 95 -11.46 20.03 -11.85
N ILE B 96 -11.43 18.73 -12.20
CA ILE B 96 -10.78 17.70 -11.40
C ILE B 96 -9.92 16.85 -12.36
N ILE B 97 -9.29 15.79 -11.87
CA ILE B 97 -8.50 14.92 -12.75
C ILE B 97 -9.07 13.50 -12.90
N LYS B 98 -9.59 13.26 -14.10
CA LYS B 98 -10.17 11.99 -14.49
C LYS B 98 -9.06 11.16 -15.14
N LEU B 99 -9.45 10.10 -15.83
CA LEU B 99 -8.51 9.23 -16.53
C LEU B 99 -8.86 9.42 -17.98
N SER B 100 -7.91 9.22 -18.88
CA SER B 100 -8.17 9.34 -20.29
C SER B 100 -8.34 7.92 -20.77
N ASN B 101 -8.82 7.73 -22.00
CA ASN B 101 -9.02 6.37 -22.53
C ASN B 101 -7.69 5.65 -22.67
N LYS B 102 -6.66 6.40 -23.03
CA LYS B 102 -5.33 5.85 -23.17
C LYS B 102 -5.04 5.25 -21.77
N GLY B 103 -5.35 6.05 -20.74
CA GLY B 103 -5.14 5.67 -19.35
C GLY B 103 -5.99 4.50 -18.94
N LYS B 104 -7.14 4.36 -19.59
CA LYS B 104 -8.05 3.26 -19.33
C LYS B 104 -7.53 1.95 -19.91
N LYS B 105 -7.22 1.93 -21.20
CA LYS B 105 -6.69 0.71 -21.82
C LYS B 105 -5.54 0.20 -20.93
N TYR B 106 -4.89 1.12 -20.24
CA TYR B 106 -3.78 0.78 -19.35
C TYR B 106 -4.34 0.00 -18.19
N ILE B 107 -5.22 0.65 -17.42
CA ILE B 107 -5.86 0.05 -16.26
C ILE B 107 -6.47 -1.30 -16.66
N LYS B 108 -6.96 -1.35 -17.88
CA LYS B 108 -7.56 -2.54 -18.46
C LYS B 108 -6.48 -3.58 -18.70
N GLU B 109 -5.30 -3.15 -19.15
CA GLU B 109 -4.21 -4.08 -19.40
C GLU B 109 -3.64 -4.57 -18.06
N ARG B 110 -3.91 -3.80 -17.01
CA ARG B 110 -3.44 -4.13 -15.67
C ARG B 110 -4.36 -5.19 -15.07
N LYS B 111 -5.66 -4.91 -15.06
CA LYS B 111 -6.64 -5.85 -14.52
C LYS B 111 -6.46 -7.22 -15.13
N ALA B 112 -6.06 -7.24 -16.40
CA ALA B 112 -5.88 -8.49 -17.12
C ALA B 112 -4.71 -9.33 -16.65
N ILE B 113 -3.65 -8.69 -16.21
CA ILE B 113 -2.48 -9.40 -15.74
C ILE B 113 -2.78 -9.84 -14.32
N MET B 114 -3.43 -8.96 -13.58
CA MET B 114 -3.79 -9.25 -12.20
C MET B 114 -4.71 -10.46 -12.15
N SER B 115 -5.72 -10.48 -13.01
CA SER B 115 -6.70 -11.56 -13.04
C SER B 115 -6.14 -12.90 -13.46
N HIS B 116 -5.08 -12.89 -14.24
CA HIS B 116 -4.53 -14.14 -14.69
C HIS B 116 -3.82 -14.87 -13.55
N ILE B 117 -3.12 -14.10 -12.72
CA ILE B 117 -2.36 -14.67 -11.61
C ILE B 117 -3.25 -14.98 -10.42
N ALA B 118 -4.19 -14.08 -10.15
CA ALA B 118 -5.12 -14.22 -9.04
C ALA B 118 -5.87 -15.54 -9.15
N SER B 119 -6.13 -15.97 -10.39
CA SER B 119 -6.82 -17.23 -10.62
C SER B 119 -5.98 -18.42 -10.16
N ASP B 120 -4.71 -18.48 -10.57
CA ASP B 120 -3.83 -19.57 -10.15
C ASP B 120 -3.97 -19.73 -8.65
N MET B 121 -3.65 -18.66 -7.93
CA MET B 121 -3.69 -18.63 -6.46
C MET B 121 -5.03 -18.84 -5.78
N THR B 122 -6.11 -18.83 -6.55
CA THR B 122 -7.44 -19.00 -6.01
C THR B 122 -8.20 -20.03 -6.83
N SER B 123 -7.49 -21.04 -7.30
CA SER B 123 -8.10 -22.10 -8.11
C SER B 123 -9.00 -22.97 -7.26
N ASP B 124 -8.51 -23.30 -6.07
CA ASP B 124 -9.22 -24.18 -5.15
C ASP B 124 -9.97 -23.53 -3.98
N PHE B 125 -10.58 -22.39 -4.17
CA PHE B 125 -11.29 -21.80 -3.05
C PHE B 125 -12.81 -22.01 -3.11
N ASP B 126 -13.46 -21.77 -1.98
CA ASP B 126 -14.90 -21.90 -1.81
C ASP B 126 -15.50 -20.53 -1.91
N SER B 127 -16.21 -20.27 -3.00
CA SER B 127 -16.82 -18.97 -3.18
C SER B 127 -17.74 -18.59 -2.00
N LYS B 128 -18.10 -19.56 -1.17
CA LYS B 128 -18.93 -19.24 -0.01
C LYS B 128 -17.96 -18.81 1.08
N GLU B 129 -16.85 -19.53 1.21
CA GLU B 129 -15.84 -19.19 2.20
C GLU B 129 -15.48 -17.75 1.96
N ILE B 130 -15.22 -17.44 0.68
CA ILE B 130 -14.82 -16.10 0.24
C ILE B 130 -15.88 -15.03 0.47
N GLU B 131 -17.14 -15.40 0.26
CA GLU B 131 -18.27 -14.49 0.45
C GLU B 131 -18.22 -13.93 1.86
N LYS B 132 -18.36 -14.79 2.87
CA LYS B 132 -18.34 -14.28 4.24
C LYS B 132 -17.14 -13.39 4.55
N VAL B 133 -15.93 -13.85 4.17
CA VAL B 133 -14.70 -13.10 4.39
C VAL B 133 -14.80 -11.75 3.74
N ARG B 134 -15.40 -11.69 2.54
CA ARG B 134 -15.52 -10.39 1.91
C ARG B 134 -16.55 -9.54 2.63
N GLN B 135 -17.58 -10.14 3.20
CA GLN B 135 -18.60 -9.37 3.91
C GLN B 135 -17.94 -8.67 5.10
N VAL B 136 -17.01 -9.38 5.74
CA VAL B 136 -16.32 -8.84 6.90
C VAL B 136 -15.38 -7.70 6.53
N LEU B 137 -14.86 -7.74 5.30
CA LEU B 137 -13.95 -6.73 4.79
C LEU B 137 -14.70 -5.48 4.36
N GLU B 138 -15.78 -5.65 3.59
CA GLU B 138 -16.56 -4.50 3.17
C GLU B 138 -16.94 -3.70 4.42
N ILE B 139 -17.19 -4.40 5.52
CA ILE B 139 -17.60 -3.72 6.74
C ILE B 139 -16.41 -3.03 7.38
N ILE B 140 -15.24 -3.63 7.25
CA ILE B 140 -14.07 -2.99 7.82
C ILE B 140 -13.73 -1.82 6.92
N ASP B 141 -13.90 -2.01 5.62
CA ASP B 141 -13.62 -0.99 4.64
C ASP B 141 -14.52 0.19 4.90
N TYR B 142 -15.79 -0.10 5.16
CA TYR B 142 -16.77 0.94 5.45
C TYR B 142 -16.32 1.76 6.65
N ARG B 143 -15.88 1.08 7.69
CA ARG B 143 -15.43 1.78 8.87
C ARG B 143 -14.16 2.59 8.67
N ILE B 144 -13.22 2.09 7.87
CA ILE B 144 -11.95 2.80 7.63
C ILE B 144 -12.23 4.13 6.99
N GLN B 145 -13.13 4.11 6.02
CA GLN B 145 -13.51 5.30 5.28
C GLN B 145 -14.14 6.38 6.14
N SER B 146 -14.98 6.00 7.08
CA SER B 146 -15.62 6.97 7.96
C SER B 146 -14.61 7.67 8.85
N TYR B 147 -13.62 6.92 9.30
CA TYR B 147 -12.57 7.44 10.16
C TYR B 147 -11.75 8.44 9.37
N THR B 148 -11.42 8.07 8.15
CA THR B 148 -10.61 8.92 7.29
C THR B 148 -11.18 10.31 7.08
N SER B 149 -12.47 10.41 6.76
CA SER B 149 -13.08 11.71 6.52
C SER B 149 -12.91 12.70 7.68
N LYS B 150 -13.05 12.22 8.91
CA LYS B 150 -12.92 13.09 10.09
C LYS B 150 -11.48 13.41 10.44
N LEU B 151 -10.99 14.56 9.97
CA LEU B 151 -9.61 15.01 10.22
C LEU B 151 -8.56 13.92 9.90
#